data_2R2R
#
_entry.id   2R2R
#
_cell.length_a   55.662
_cell.length_b   144.479
_cell.length_c   46.848
_cell.angle_alpha   90.000
_cell.angle_beta   90.000
_cell.angle_gamma   90.000
#
_symmetry.space_group_name_H-M   'P 21 21 2'
#
loop_
_entity.id
_entity.type
_entity.pdbx_description
1 polymer "DNA (5'-D(*DAP*DTP*DTP*DAP*DGP*DTP*DTP*DA)-3')"
2 polymer "DNA (5'-D(P*DTP*DAP*DAP*DCP*DTP*DAP*DAP*DT)-3')"
3 polymer 'Reverse transcriptase'
4 water water
#
loop_
_entity_poly.entity_id
_entity_poly.type
_entity_poly.pdbx_seq_one_letter_code
_entity_poly.pdbx_strand_id
1 'polydeoxyribonucleotide' (DA)(DT)(DT)(DA)(DG)(DT)(DT)(DA) B
2 'polydeoxyribonucleotide' (DT)(DA)(DA)(DC)(DT)(DA)(DA)(DT) G
3 'polypeptide(L)'
;TWLSDFPQAWAETGGMGLAVRQAPLIIPLKATSTPVSIKQYPMSQEARLGIKPHIQRLLDQGILVPCQSPWNTPLLPVKK
PGTNDYRPVQDLREVNKRVEDIHPTVPNPYNLLSGLPPSHQWYTVLDLKDAFFCLRLHPTSQPLFAFEWRDPEMGISGQL
TWTRLPQGFKNSPTLFDEALHRDLADFRIQHPDLILLQYVDDLLLAATSELDCQQGTRALLQTLGNLGYRASAKKAQICQ
KQVKYLGYLLKEGQR
;
A
#
loop_
_chem_comp.id
_chem_comp.type
_chem_comp.name
_chem_comp.formula
DA DNA linking 2'-DEOXYADENOSINE-5'-MONOPHOSPHATE 'C10 H14 N5 O6 P'
DC DNA linking 2'-DEOXYCYTIDINE-5'-MONOPHOSPHATE 'C9 H14 N3 O7 P'
DG DNA linking 2'-DEOXYGUANOSINE-5'-MONOPHOSPHATE 'C10 H14 N5 O7 P'
DT DNA linking THYMIDINE-5'-MONOPHOSPHATE 'C10 H15 N2 O8 P'
#
# COMPACT_ATOMS: atom_id res chain seq x y z
N THR C 1 -6.88 17.62 18.54
CA THR C 1 -6.95 16.16 18.23
C THR C 1 -7.49 15.90 16.84
N TRP C 2 -6.59 15.88 15.87
CA TRP C 2 -6.96 15.64 14.47
C TRP C 2 -7.59 14.26 14.32
N LEU C 3 -7.28 13.39 15.27
CA LEU C 3 -7.80 12.03 15.24
C LEU C 3 -9.33 12.04 15.37
N SER C 4 -9.85 13.02 16.08
CA SER C 4 -11.30 13.13 16.28
C SER C 4 -11.99 13.91 15.16
N ASP C 5 -11.29 14.90 14.62
CA ASP C 5 -11.84 15.71 13.53
C ASP C 5 -12.00 14.93 12.23
N PHE C 6 -11.11 13.97 12.01
CA PHE C 6 -11.14 13.17 10.79
C PHE C 6 -11.01 11.68 11.09
N PRO C 7 -12.11 11.04 11.50
CA PRO C 7 -12.13 9.61 11.84
C PRO C 7 -11.90 8.71 10.62
N GLN C 8 -12.58 9.05 9.53
CA GLN C 8 -12.51 8.29 8.29
C GLN C 8 -11.12 8.30 7.65
N ALA C 9 -10.30 9.28 7.99
CA ALA C 9 -8.96 9.41 7.42
C ALA C 9 -7.88 8.60 8.10
N TRP C 10 -8.13 8.12 9.32
CA TRP C 10 -7.11 7.36 10.01
C TRP C 10 -7.38 5.87 10.03
N ALA C 11 -6.33 5.08 9.84
CA ALA C 11 -6.46 3.63 9.84
C ALA C 11 -6.98 3.18 11.20
N GLU C 12 -6.55 3.90 12.24
CA GLU C 12 -6.95 3.58 13.61
C GLU C 12 -8.47 3.56 13.80
N THR C 13 -9.17 4.46 13.12
CA THR C 13 -10.62 4.54 13.28
C THR C 13 -11.46 4.47 12.01
N GLY C 14 -10.83 4.41 10.84
CA GLY C 14 -11.59 4.37 9.61
C GLY C 14 -11.81 3.01 8.99
N GLY C 15 -11.19 1.98 9.55
CA GLY C 15 -11.33 0.65 8.99
C GLY C 15 -10.41 0.49 7.79
N MET C 16 -10.33 -0.72 7.25
CA MET C 16 -9.47 -1.00 6.09
C MET C 16 -9.90 -0.08 4.95
N GLY C 17 -8.92 0.39 4.17
CA GLY C 17 -9.24 1.27 3.06
C GLY C 17 -9.70 0.57 1.79
N LEU C 18 -10.13 1.37 0.82
CA LEU C 18 -10.58 0.89 -0.46
C LEU C 18 -10.77 2.12 -1.34
N ALA C 19 -9.90 2.29 -2.33
CA ALA C 19 -9.97 3.44 -3.23
C ALA C 19 -11.19 3.29 -4.15
N VAL C 20 -12.31 3.80 -3.69
CA VAL C 20 -13.60 3.72 -4.40
C VAL C 20 -13.66 4.30 -5.81
N ARG C 21 -12.76 5.22 -6.13
CA ARG C 21 -12.77 5.85 -7.45
C ARG C 21 -11.95 5.08 -8.46
N GLN C 22 -11.10 4.19 -7.97
CA GLN C 22 -10.24 3.42 -8.86
C GLN C 22 -10.88 2.14 -9.38
N ALA C 23 -10.89 1.98 -10.69
CA ALA C 23 -11.46 0.79 -11.29
C ALA C 23 -10.56 -0.41 -10.96
N PRO C 24 -11.15 -1.60 -10.76
CA PRO C 24 -10.33 -2.79 -10.47
C PRO C 24 -9.24 -2.93 -11.53
N LEU C 25 -8.00 -3.18 -11.11
CA LEU C 25 -6.86 -3.30 -12.04
C LEU C 25 -6.74 -4.57 -12.87
N ILE C 26 -6.43 -4.41 -14.14
CA ILE C 26 -6.22 -5.55 -15.03
C ILE C 26 -4.70 -5.64 -15.24
N ILE C 27 -4.13 -6.82 -14.99
CA ILE C 27 -2.69 -7.04 -15.12
C ILE C 27 -2.34 -7.75 -16.42
N PRO C 28 -1.83 -7.00 -17.42
CA PRO C 28 -1.49 -7.67 -18.68
C PRO C 28 -0.25 -8.58 -18.61
N LEU C 29 -0.33 -9.75 -19.23
CA LEU C 29 0.76 -10.68 -19.26
C LEU C 29 1.60 -10.46 -20.50
N LYS C 30 2.83 -10.97 -20.49
CA LYS C 30 3.71 -10.88 -21.64
C LYS C 30 3.11 -11.76 -22.75
N ALA C 31 3.42 -11.43 -23.99
CA ALA C 31 2.91 -12.15 -25.16
C ALA C 31 2.97 -13.67 -25.10
N THR C 32 4.11 -14.21 -24.67
CA THR C 32 4.30 -15.65 -24.62
C THR C 32 4.02 -16.36 -23.29
N SER C 33 3.63 -15.60 -22.26
CA SER C 33 3.39 -16.18 -20.95
C SER C 33 2.32 -17.25 -20.80
N THR C 34 2.67 -18.27 -20.02
CA THR C 34 1.78 -19.37 -19.71
C THR C 34 1.80 -19.50 -18.18
N PRO C 35 0.71 -20.01 -17.58
CA PRO C 35 0.68 -20.13 -16.12
C PRO C 35 1.79 -20.96 -15.49
N VAL C 36 2.27 -20.51 -14.34
CA VAL C 36 3.30 -21.25 -13.64
C VAL C 36 2.67 -21.68 -12.31
N SER C 37 2.77 -22.96 -11.99
CA SER C 37 2.21 -23.50 -10.76
C SER C 37 3.30 -24.17 -9.92
N ILE C 38 3.77 -23.46 -8.89
CA ILE C 38 4.81 -23.97 -8.02
C ILE C 38 4.17 -24.49 -6.73
N LYS C 39 4.38 -25.77 -6.46
CA LYS C 39 3.81 -26.39 -5.27
C LYS C 39 4.31 -25.71 -4.00
N GLN C 40 3.45 -25.68 -2.99
CA GLN C 40 3.78 -25.06 -1.72
C GLN C 40 4.86 -25.86 -1.01
N TYR C 41 5.89 -25.17 -0.51
CA TYR C 41 6.97 -25.85 0.22
C TYR C 41 6.40 -26.26 1.58
N PRO C 42 6.67 -27.50 2.00
CA PRO C 42 6.18 -28.00 3.30
C PRO C 42 6.45 -26.96 4.39
N MET C 43 5.42 -26.63 5.15
CA MET C 43 5.56 -25.64 6.22
C MET C 43 5.37 -26.27 7.60
N SER C 44 6.19 -25.88 8.56
CA SER C 44 6.09 -26.42 9.91
C SER C 44 4.84 -25.91 10.63
N GLN C 45 4.38 -26.68 11.61
CA GLN C 45 3.21 -26.27 12.36
C GLN C 45 3.49 -24.90 13.00
N GLU C 46 4.70 -24.70 13.48
CA GLU C 46 5.04 -23.42 14.11
C GLU C 46 4.80 -22.23 13.19
N ALA C 47 5.33 -22.30 11.97
CA ALA C 47 5.15 -21.23 10.98
C ALA C 47 3.67 -21.05 10.61
N ARG C 48 2.98 -22.17 10.42
CA ARG C 48 1.56 -22.15 10.06
C ARG C 48 0.71 -21.46 11.12
N LEU C 49 0.92 -21.81 12.39
CA LEU C 49 0.17 -21.19 13.48
C LEU C 49 0.48 -19.71 13.50
N GLY C 50 1.73 -19.36 13.23
CA GLY C 50 2.11 -17.97 13.22
C GLY C 50 1.44 -17.19 12.10
N ILE C 51 1.28 -17.83 10.95
CA ILE C 51 0.67 -17.20 9.79
C ILE C 51 -0.86 -17.20 9.77
N LYS C 52 -1.46 -18.25 10.33
CA LYS C 52 -2.91 -18.40 10.36
C LYS C 52 -3.74 -17.16 10.65
N PRO C 53 -3.48 -16.46 11.77
CA PRO C 53 -4.23 -15.26 12.15
C PRO C 53 -4.25 -14.20 11.03
N HIS C 54 -3.10 -13.99 10.39
CA HIS C 54 -3.03 -13.02 9.32
C HIS C 54 -3.94 -13.43 8.18
N ILE C 55 -3.86 -14.71 7.78
CA ILE C 55 -4.69 -15.21 6.70
C ILE C 55 -6.18 -15.09 7.04
N GLN C 56 -6.53 -15.45 8.26
CA GLN C 56 -7.91 -15.40 8.70
C GLN C 56 -8.43 -13.97 8.61
N ARG C 57 -7.63 -13.02 9.10
CA ARG C 57 -8.03 -11.62 9.08
C ARG C 57 -8.23 -11.12 7.64
N LEU C 58 -7.33 -11.49 6.74
CA LEU C 58 -7.44 -11.06 5.34
C LEU C 58 -8.70 -11.62 4.69
N LEU C 59 -9.05 -12.85 5.06
CA LEU C 59 -10.25 -13.49 4.53
C LEU C 59 -11.49 -12.76 5.04
N ASP C 60 -11.52 -12.48 6.34
CA ASP C 60 -12.65 -11.79 6.93
C ASP C 60 -12.81 -10.39 6.35
N GLN C 61 -11.70 -9.78 5.97
CA GLN C 61 -11.74 -8.43 5.39
C GLN C 61 -12.07 -8.51 3.91
N GLY C 62 -12.13 -9.73 3.37
CA GLY C 62 -12.44 -9.89 1.96
C GLY C 62 -11.24 -9.65 1.04
N ILE C 63 -10.07 -9.47 1.63
CA ILE C 63 -8.88 -9.21 0.82
C ILE C 63 -8.35 -10.49 0.19
N LEU C 64 -8.61 -11.63 0.84
CA LEU C 64 -8.24 -12.96 0.32
C LEU C 64 -9.54 -13.72 0.11
N VAL C 65 -9.62 -14.51 -0.97
CA VAL C 65 -10.81 -15.30 -1.26
C VAL C 65 -10.40 -16.67 -1.81
N PRO C 66 -11.25 -17.68 -1.58
CA PRO C 66 -10.93 -19.02 -2.09
C PRO C 66 -10.95 -18.95 -3.60
N CYS C 67 -10.23 -19.86 -4.25
CA CYS C 67 -10.21 -19.88 -5.69
C CYS C 67 -9.53 -21.16 -6.12
N GLN C 68 -9.63 -21.44 -7.40
CA GLN C 68 -9.04 -22.63 -8.02
C GLN C 68 -8.33 -21.99 -9.20
N SER C 69 -6.99 -22.09 -9.25
CA SER C 69 -6.23 -21.44 -10.32
C SER C 69 -5.05 -22.24 -10.82
N PRO C 70 -4.71 -22.08 -12.12
CA PRO C 70 -3.59 -22.76 -12.77
C PRO C 70 -2.26 -22.12 -12.35
N TRP C 71 -2.36 -20.99 -11.66
CA TRP C 71 -1.19 -20.29 -11.17
C TRP C 71 -1.07 -20.62 -9.68
N ASN C 72 0.16 -20.72 -9.21
CA ASN C 72 0.41 -20.95 -7.80
C ASN C 72 1.84 -20.60 -7.45
N THR C 73 2.00 -19.81 -6.39
CA THR C 73 3.31 -19.44 -5.92
C THR C 73 3.38 -19.81 -4.45
N PRO C 74 4.59 -20.10 -3.97
CA PRO C 74 4.78 -20.49 -2.58
C PRO C 74 4.76 -19.36 -1.57
N LEU C 75 4.23 -19.68 -0.39
CA LEU C 75 4.16 -18.75 0.70
C LEU C 75 5.43 -19.02 1.52
N LEU C 76 6.09 -17.95 1.97
CA LEU C 76 7.29 -18.08 2.77
C LEU C 76 7.01 -17.58 4.20
N PRO C 77 7.37 -18.38 5.20
CA PRO C 77 7.15 -17.98 6.59
C PRO C 77 8.35 -17.15 7.04
N VAL C 78 8.21 -15.84 7.08
CA VAL C 78 9.31 -14.99 7.50
C VAL C 78 9.11 -14.42 8.91
N LYS C 79 10.08 -14.63 9.77
CA LYS C 79 9.99 -14.11 11.13
C LYS C 79 10.89 -12.88 11.25
N LYS C 80 10.27 -11.70 11.22
CA LYS C 80 11.01 -10.45 11.32
C LYS C 80 12.04 -10.48 12.45
N PRO C 81 11.65 -11.01 13.61
CA PRO C 81 12.59 -11.07 14.74
C PRO C 81 13.74 -12.05 14.46
N GLY C 82 14.38 -12.50 15.53
CA GLY C 82 15.48 -13.44 15.39
C GLY C 82 14.96 -14.85 15.66
N THR C 83 13.75 -14.91 16.22
CA THR C 83 13.10 -16.17 16.55
C THR C 83 11.71 -15.94 17.15
N ASN C 84 10.98 -14.96 16.59
CA ASN C 84 9.64 -14.67 17.08
C ASN C 84 8.56 -14.76 16.00
N ASP C 85 7.47 -14.02 16.21
CA ASP C 85 6.33 -14.00 15.29
C ASP C 85 6.65 -14.06 13.80
N TYR C 86 5.82 -14.81 13.08
CA TYR C 86 5.97 -14.97 11.64
C TYR C 86 5.01 -14.03 10.90
N ARG C 87 5.20 -13.97 9.59
CA ARG C 87 4.35 -13.16 8.71
C ARG C 87 4.46 -13.86 7.35
N PRO C 88 3.35 -13.96 6.62
CA PRO C 88 3.42 -14.61 5.32
C PRO C 88 4.01 -13.71 4.23
N VAL C 89 5.03 -14.21 3.53
CA VAL C 89 5.64 -13.48 2.43
C VAL C 89 5.55 -14.37 1.20
N GLN C 90 4.84 -13.91 0.18
CA GLN C 90 4.68 -14.71 -1.02
C GLN C 90 5.77 -14.45 -2.05
N ASP C 91 6.31 -15.55 -2.58
CA ASP C 91 7.37 -15.46 -3.60
C ASP C 91 6.70 -15.39 -4.96
N LEU C 92 6.41 -14.16 -5.39
CA LEU C 92 5.78 -13.88 -6.67
C LEU C 92 6.76 -13.70 -7.82
N ARG C 93 8.03 -14.04 -7.62
CA ARG C 93 9.02 -13.86 -8.68
C ARG C 93 8.72 -14.54 -10.01
N GLU C 94 8.22 -15.77 -10.00
CA GLU C 94 7.94 -16.43 -11.28
C GLU C 94 6.72 -15.79 -11.96
N VAL C 95 5.86 -15.17 -11.15
CA VAL C 95 4.70 -14.47 -11.70
C VAL C 95 5.20 -13.13 -12.27
N ASN C 96 6.05 -12.44 -11.53
CA ASN C 96 6.60 -11.16 -11.99
C ASN C 96 7.28 -11.31 -13.36
N LYS C 97 7.95 -12.44 -13.57
CA LYS C 97 8.63 -12.68 -14.84
C LYS C 97 7.67 -12.81 -16.02
N ARG C 98 6.45 -13.24 -15.74
CA ARG C 98 5.47 -13.45 -16.80
C ARG C 98 4.54 -12.28 -17.08
N VAL C 99 4.64 -11.26 -16.23
CA VAL C 99 3.81 -10.07 -16.35
C VAL C 99 4.51 -9.02 -17.21
N GLU C 100 3.75 -8.33 -18.05
CA GLU C 100 4.31 -7.31 -18.93
C GLU C 100 4.84 -6.11 -18.13
N ASP C 101 6.05 -5.67 -18.44
CA ASP C 101 6.65 -4.54 -17.76
C ASP C 101 5.94 -3.23 -18.08
N ILE C 102 6.00 -2.29 -17.15
CA ILE C 102 5.42 -0.97 -17.34
C ILE C 102 6.53 0.02 -17.02
N HIS C 103 6.42 1.25 -17.50
CA HIS C 103 7.47 2.23 -17.23
C HIS C 103 7.51 2.58 -15.75
N PRO C 104 8.72 2.62 -15.15
CA PRO C 104 8.87 2.95 -13.72
C PRO C 104 8.67 4.44 -13.55
N THR C 105 7.47 4.86 -13.21
CA THR C 105 7.21 6.29 -13.08
C THR C 105 7.42 6.87 -11.67
N VAL C 106 7.74 6.03 -10.70
CA VAL C 106 7.98 6.55 -9.35
C VAL C 106 9.37 7.21 -9.28
N PRO C 107 9.41 8.52 -9.01
CA PRO C 107 10.71 9.23 -8.92
C PRO C 107 11.54 8.76 -7.74
N ASN C 108 12.86 8.75 -7.88
CA ASN C 108 13.69 8.34 -6.76
C ASN C 108 13.59 9.48 -5.72
N PRO C 109 13.67 9.14 -4.43
CA PRO C 109 13.58 10.14 -3.36
C PRO C 109 14.39 11.43 -3.59
N TYR C 110 15.65 11.29 -3.98
CA TYR C 110 16.47 12.47 -4.21
C TYR C 110 15.81 13.47 -5.16
N ASN C 111 15.42 13.01 -6.34
CA ASN C 111 14.78 13.89 -7.31
C ASN C 111 13.45 14.42 -6.80
N LEU C 112 12.71 13.58 -6.07
CA LEU C 112 11.43 14.03 -5.56
C LEU C 112 11.63 15.23 -4.64
N LEU C 113 12.62 15.14 -3.76
CA LEU C 113 12.87 16.24 -2.83
C LEU C 113 13.29 17.53 -3.54
N SER C 114 13.92 17.41 -4.70
CA SER C 114 14.34 18.60 -5.44
C SER C 114 13.14 19.50 -5.75
N GLY C 115 11.94 18.98 -5.49
CA GLY C 115 10.74 19.75 -5.74
C GLY C 115 10.24 20.48 -4.50
N LEU C 116 11.12 20.60 -3.50
CA LEU C 116 10.75 21.30 -2.27
C LEU C 116 11.31 22.71 -2.18
N PRO C 117 10.44 23.72 -2.33
CA PRO C 117 10.84 25.13 -2.27
C PRO C 117 11.27 25.55 -0.86
N PRO C 118 12.21 26.51 -0.78
CA PRO C 118 12.72 27.02 0.51
C PRO C 118 11.64 27.72 1.33
N SER C 119 10.74 28.39 0.62
CA SER C 119 9.63 29.13 1.24
C SER C 119 8.72 28.35 2.18
N HIS C 120 8.51 27.06 1.87
CA HIS C 120 7.64 26.23 2.70
C HIS C 120 8.43 25.50 3.78
N GLN C 121 8.38 26.05 4.99
CA GLN C 121 9.09 25.50 6.14
C GLN C 121 8.22 24.59 6.99
N TRP C 122 6.91 24.70 6.82
CA TRP C 122 5.98 23.88 7.59
C TRP C 122 5.58 22.63 6.82
N TYR C 123 5.95 21.46 7.35
CA TYR C 123 5.63 20.20 6.68
C TYR C 123 4.73 19.29 7.49
N THR C 124 4.05 18.40 6.77
CA THR C 124 3.19 17.38 7.37
C THR C 124 3.53 16.09 6.66
N VAL C 125 3.70 15.02 7.42
CA VAL C 125 4.03 13.73 6.83
C VAL C 125 3.02 12.68 7.23
N LEU C 126 2.46 12.01 6.22
CA LEU C 126 1.49 10.97 6.43
C LEU C 126 1.92 9.71 5.71
N ASP C 127 1.69 8.56 6.33
CA ASP C 127 2.02 7.27 5.76
C ASP C 127 0.71 6.53 5.61
N LEU C 128 0.40 6.11 4.39
CA LEU C 128 -0.83 5.39 4.15
C LEU C 128 -0.64 3.93 4.57
N LYS C 129 -1.52 3.47 5.46
CA LYS C 129 -1.43 2.10 5.96
C LYS C 129 -2.06 1.12 4.96
N ASP C 130 -1.40 0.01 4.71
CA ASP C 130 -1.90 -1.01 3.78
C ASP C 130 -2.34 -0.34 2.47
N ALA C 131 -1.42 0.41 1.86
CA ALA C 131 -1.71 1.13 0.63
C ALA C 131 -2.15 0.22 -0.53
N PHE C 132 -1.33 -0.75 -0.89
CA PHE C 132 -1.67 -1.64 -2.02
C PHE C 132 -3.04 -2.28 -1.87
N PHE C 133 -3.40 -2.70 -0.65
CA PHE C 133 -4.68 -3.35 -0.42
C PHE C 133 -5.89 -2.44 -0.68
N CYS C 134 -5.66 -1.13 -0.79
CA CYS C 134 -6.74 -0.20 -1.08
C CYS C 134 -7.11 -0.28 -2.56
N LEU C 135 -6.23 -0.85 -3.38
CA LEU C 135 -6.53 -0.96 -4.80
C LEU C 135 -7.07 -2.33 -5.17
N ARG C 136 -8.24 -2.34 -5.83
CA ARG C 136 -8.87 -3.59 -6.23
C ARG C 136 -8.25 -4.23 -7.45
N LEU C 137 -8.29 -5.56 -7.49
CA LEU C 137 -7.77 -6.33 -8.62
C LEU C 137 -8.96 -6.80 -9.43
N HIS C 138 -8.93 -6.61 -10.75
CA HIS C 138 -10.04 -7.08 -11.57
C HIS C 138 -10.10 -8.60 -11.40
N PRO C 139 -11.32 -9.17 -11.38
CA PRO C 139 -11.46 -10.62 -11.22
C PRO C 139 -10.69 -11.47 -12.24
N THR C 140 -10.41 -10.91 -13.42
CA THR C 140 -9.67 -11.63 -14.45
C THR C 140 -8.18 -11.72 -14.12
N SER C 141 -7.71 -10.83 -13.25
CA SER C 141 -6.30 -10.83 -12.88
C SER C 141 -6.02 -11.48 -11.52
N GLN C 142 -7.06 -11.63 -10.70
CA GLN C 142 -6.91 -12.22 -9.39
C GLN C 142 -6.25 -13.61 -9.30
N PRO C 143 -6.61 -14.54 -10.21
CA PRO C 143 -6.05 -15.90 -10.22
C PRO C 143 -4.52 -15.98 -10.34
N LEU C 144 -3.94 -14.92 -10.91
CA LEU C 144 -2.49 -14.82 -11.13
C LEU C 144 -1.68 -14.96 -9.84
N PHE C 145 -2.25 -14.47 -8.74
CA PHE C 145 -1.57 -14.41 -7.45
C PHE C 145 -1.98 -15.44 -6.40
N ALA C 146 -2.50 -16.56 -6.87
CA ALA C 146 -2.95 -17.63 -6.01
C ALA C 146 -1.82 -18.37 -5.29
N PHE C 147 -2.14 -18.87 -4.10
CA PHE C 147 -1.19 -19.65 -3.31
C PHE C 147 -2.00 -20.69 -2.57
N GLU C 148 -1.30 -21.67 -2.00
CA GLU C 148 -1.94 -22.76 -1.28
C GLU C 148 -2.10 -22.48 0.20
N TRP C 149 -3.22 -22.90 0.76
CA TRP C 149 -3.45 -22.75 2.18
C TRP C 149 -4.31 -23.87 2.75
N ARG C 150 -3.95 -24.31 3.96
CA ARG C 150 -4.69 -25.35 4.64
C ARG C 150 -4.60 -25.28 6.15
N ASP C 151 -5.45 -26.07 6.78
CA ASP C 151 -5.52 -26.17 8.22
C ASP C 151 -5.74 -27.66 8.47
N PRO C 152 -4.65 -28.41 8.77
CA PRO C 152 -4.63 -29.85 9.03
C PRO C 152 -5.88 -30.42 9.71
N GLU C 153 -6.73 -29.53 10.22
CA GLU C 153 -7.96 -29.92 10.87
C GLU C 153 -9.04 -28.92 10.49
N MET C 154 -9.72 -29.19 9.37
CA MET C 154 -10.78 -28.31 8.86
C MET C 154 -10.13 -27.04 8.32
N GLY C 155 -10.71 -26.49 7.25
CA GLY C 155 -10.15 -25.27 6.68
C GLY C 155 -10.60 -24.97 5.27
N ILE C 156 -9.73 -24.28 4.52
CA ILE C 156 -10.03 -23.91 3.15
C ILE C 156 -9.63 -25.02 2.18
N SER C 157 -10.44 -25.18 1.14
CA SER C 157 -10.21 -26.20 0.12
C SER C 157 -8.74 -26.37 -0.23
N GLY C 158 -8.15 -25.33 -0.82
CA GLY C 158 -6.75 -25.42 -1.18
C GLY C 158 -6.11 -24.08 -1.45
N GLN C 159 -6.50 -23.43 -2.55
CA GLN C 159 -5.92 -22.14 -2.91
C GLN C 159 -6.73 -20.91 -2.52
N LEU C 160 -6.00 -19.83 -2.28
CA LEU C 160 -6.60 -18.54 -1.96
C LEU C 160 -5.89 -17.57 -2.89
N THR C 161 -6.49 -16.41 -3.13
CA THR C 161 -5.83 -15.42 -3.94
C THR C 161 -6.26 -14.05 -3.47
N TRP C 162 -5.64 -13.02 -4.03
CA TRP C 162 -5.91 -11.64 -3.65
C TRP C 162 -7.00 -10.93 -4.46
N THR C 163 -7.73 -10.04 -3.81
CA THR C 163 -8.76 -9.26 -4.51
C THR C 163 -8.25 -7.81 -4.58
N ARG C 164 -7.06 -7.61 -4.03
CA ARG C 164 -6.43 -6.30 -4.00
C ARG C 164 -5.01 -6.46 -4.52
N LEU C 165 -4.41 -5.34 -4.92
CA LEU C 165 -3.03 -5.33 -5.40
C LEU C 165 -2.16 -5.94 -4.30
N PRO C 166 -1.47 -7.04 -4.59
CA PRO C 166 -0.65 -7.67 -3.56
C PRO C 166 0.78 -7.19 -3.35
N GLN C 167 1.31 -7.54 -2.18
CA GLN C 167 2.70 -7.22 -1.82
C GLN C 167 3.54 -8.21 -2.62
N GLY C 168 4.75 -7.82 -3.00
CA GLY C 168 5.60 -8.73 -3.72
C GLY C 168 5.45 -8.70 -5.23
N PHE C 169 4.41 -8.04 -5.73
CA PHE C 169 4.17 -7.92 -7.15
C PHE C 169 5.02 -6.76 -7.66
N LYS C 170 5.85 -7.02 -8.66
CA LYS C 170 6.76 -6.00 -9.18
C LYS C 170 6.14 -4.66 -9.55
N ASN C 171 4.90 -4.65 -10.00
CA ASN C 171 4.28 -3.40 -10.42
C ASN C 171 3.42 -2.70 -9.39
N SER C 172 3.28 -3.28 -8.21
CA SER C 172 2.44 -2.65 -7.19
C SER C 172 2.84 -1.22 -6.81
N PRO C 173 4.14 -0.95 -6.56
CA PRO C 173 4.53 0.42 -6.21
C PRO C 173 4.13 1.44 -7.26
N THR C 174 4.47 1.15 -8.52
CA THR C 174 4.16 2.04 -9.63
C THR C 174 2.66 2.25 -9.82
N LEU C 175 1.88 1.16 -9.82
CA LEU C 175 0.43 1.27 -9.99
C LEU C 175 -0.23 2.03 -8.84
N PHE C 176 0.24 1.80 -7.63
CA PHE C 176 -0.36 2.54 -6.51
C PHE C 176 -0.06 4.04 -6.66
N ASP C 177 1.20 4.34 -6.95
CA ASP C 177 1.66 5.72 -7.09
C ASP C 177 0.86 6.46 -8.17
N GLU C 178 0.63 5.81 -9.30
CA GLU C 178 -0.13 6.43 -10.39
C GLU C 178 -1.61 6.59 -10.01
N ALA C 179 -2.17 5.62 -9.28
CA ALA C 179 -3.57 5.69 -8.86
C ALA C 179 -3.81 6.85 -7.90
N LEU C 180 -2.92 7.00 -6.93
CA LEU C 180 -3.05 8.06 -5.95
C LEU C 180 -2.84 9.42 -6.61
N HIS C 181 -1.97 9.48 -7.61
CA HIS C 181 -1.75 10.75 -8.31
C HIS C 181 -3.05 11.15 -9.02
N ARG C 182 -3.78 10.18 -9.56
CA ARG C 182 -5.03 10.49 -10.24
C ARG C 182 -6.07 10.95 -9.22
N ASP C 183 -6.11 10.29 -8.07
CA ASP C 183 -7.05 10.65 -7.02
C ASP C 183 -6.75 11.98 -6.34
N LEU C 184 -5.49 12.40 -6.34
CA LEU C 184 -5.12 13.66 -5.69
C LEU C 184 -4.90 14.84 -6.64
N ALA C 185 -5.13 14.62 -7.94
CA ALA C 185 -4.94 15.68 -8.93
C ALA C 185 -5.81 16.90 -8.63
N ASP C 186 -7.08 16.65 -8.33
CA ASP C 186 -8.01 17.73 -8.03
C ASP C 186 -7.58 18.53 -6.81
N PHE C 187 -7.16 17.82 -5.76
CA PHE C 187 -6.73 18.46 -4.54
C PHE C 187 -5.57 19.41 -4.85
N ARG C 188 -4.64 18.97 -5.70
CA ARG C 188 -3.49 19.82 -6.07
C ARG C 188 -4.00 21.09 -6.78
N ILE C 189 -5.02 20.92 -7.61
CA ILE C 189 -5.61 22.04 -8.33
C ILE C 189 -6.29 23.02 -7.39
N GLN C 190 -6.93 22.48 -6.36
CA GLN C 190 -7.63 23.30 -5.38
C GLN C 190 -6.73 23.92 -4.32
N HIS C 191 -5.43 23.63 -4.41
CA HIS C 191 -4.47 24.16 -3.46
C HIS C 191 -3.17 24.48 -4.20
N PRO C 192 -3.23 25.45 -5.13
CA PRO C 192 -2.10 25.89 -5.95
C PRO C 192 -0.86 26.26 -5.12
N ASP C 193 -1.11 26.82 -3.94
CA ASP C 193 -0.04 27.24 -3.06
C ASP C 193 0.70 26.07 -2.41
N LEU C 194 -0.06 25.13 -1.86
CA LEU C 194 0.54 23.96 -1.19
C LEU C 194 1.48 23.13 -2.05
N ILE C 195 2.40 22.43 -1.38
CA ILE C 195 3.34 21.55 -2.05
C ILE C 195 3.08 20.14 -1.57
N LEU C 196 2.65 19.26 -2.48
CA LEU C 196 2.37 17.88 -2.12
C LEU C 196 3.30 16.90 -2.81
N LEU C 197 4.14 16.24 -2.02
CA LEU C 197 5.08 15.25 -2.56
C LEU C 197 4.57 13.85 -2.26
N GLN C 198 4.57 12.98 -3.26
CA GLN C 198 4.10 11.60 -3.06
C GLN C 198 5.18 10.61 -3.45
N TYR C 199 5.44 9.65 -2.58
CA TYR C 199 6.39 8.59 -2.88
C TYR C 199 5.69 7.29 -2.51
N VAL C 200 4.88 6.80 -3.45
CA VAL C 200 4.07 5.60 -3.26
C VAL C 200 3.11 5.84 -2.10
N ASP C 201 3.38 5.31 -0.91
CA ASP C 201 2.48 5.54 0.21
C ASP C 201 2.98 6.57 1.24
N ASP C 202 4.04 7.30 0.90
CA ASP C 202 4.57 8.31 1.82
C ASP C 202 4.29 9.73 1.32
N LEU C 203 3.49 10.47 2.06
CA LEU C 203 3.11 11.82 1.66
C LEU C 203 3.68 12.97 2.50
N LEU C 204 4.18 13.99 1.80
CA LEU C 204 4.74 15.18 2.44
C LEU C 204 4.00 16.41 1.94
N LEU C 205 3.32 17.09 2.84
CA LEU C 205 2.58 18.31 2.51
C LEU C 205 3.40 19.48 3.03
N ALA C 206 3.66 20.47 2.18
CA ALA C 206 4.45 21.63 2.59
C ALA C 206 3.62 22.91 2.54
N ALA C 207 3.98 23.86 3.41
CA ALA C 207 3.27 25.13 3.49
C ALA C 207 4.17 26.24 4.04
N THR C 208 3.75 27.49 3.83
CA THR C 208 4.51 28.64 4.28
C THR C 208 4.21 28.97 5.75
N SER C 209 2.93 29.00 6.10
CA SER C 209 2.50 29.32 7.45
C SER C 209 1.81 28.15 8.11
N GLU C 210 1.95 28.06 9.43
CA GLU C 210 1.32 26.98 10.18
C GLU C 210 -0.17 26.95 9.90
N LEU C 211 -0.72 28.09 9.48
CA LEU C 211 -2.14 28.19 9.17
C LEU C 211 -2.43 27.38 7.91
N ASP C 212 -1.55 27.52 6.93
CA ASP C 212 -1.68 26.80 5.67
C ASP C 212 -1.46 25.32 5.93
N CYS C 213 -0.26 24.99 6.43
CA CYS C 213 0.09 23.61 6.72
C CYS C 213 -0.99 22.94 7.57
N GLN C 214 -1.74 23.75 8.31
CA GLN C 214 -2.81 23.26 9.17
C GLN C 214 -4.10 23.09 8.41
N GLN C 215 -4.58 24.17 7.78
CA GLN C 215 -5.81 24.09 7.00
C GLN C 215 -5.63 23.15 5.83
N GLY C 216 -4.44 23.14 5.26
CA GLY C 216 -4.15 22.27 4.13
C GLY C 216 -4.20 20.81 4.57
N THR C 217 -3.63 20.52 5.72
CA THR C 217 -3.61 19.16 6.25
C THR C 217 -5.04 18.66 6.49
N ARG C 218 -5.91 19.54 6.96
CA ARG C 218 -7.28 19.15 7.21
C ARG C 218 -7.95 18.74 5.90
N ALA C 219 -7.68 19.49 4.85
CA ALA C 219 -8.26 19.20 3.53
C ALA C 219 -7.71 17.90 2.95
N LEU C 220 -6.43 17.62 3.22
CA LEU C 220 -5.80 16.41 2.72
C LEU C 220 -6.37 15.19 3.41
N LEU C 221 -6.40 15.22 4.74
CA LEU C 221 -6.94 14.13 5.52
C LEU C 221 -8.38 13.86 5.08
N GLN C 222 -9.18 14.93 5.01
CA GLN C 222 -10.58 14.80 4.60
C GLN C 222 -10.65 14.19 3.21
N THR C 223 -9.82 14.69 2.30
CA THR C 223 -9.78 14.19 0.94
C THR C 223 -9.38 12.71 0.92
N LEU C 224 -8.28 12.38 1.57
CA LEU C 224 -7.81 11.00 1.62
C LEU C 224 -8.87 10.06 2.16
N GLY C 225 -9.41 10.39 3.33
CA GLY C 225 -10.43 9.55 3.94
C GLY C 225 -11.62 9.38 3.02
N ASN C 226 -11.97 10.45 2.33
CA ASN C 226 -13.10 10.44 1.41
C ASN C 226 -12.86 9.52 0.20
N LEU C 227 -11.63 9.49 -0.29
CA LEU C 227 -11.27 8.68 -1.44
C LEU C 227 -11.15 7.18 -1.10
N GLY C 228 -11.03 6.88 0.19
CA GLY C 228 -10.92 5.49 0.61
C GLY C 228 -9.55 5.06 1.10
N TYR C 229 -8.61 6.00 1.22
CA TYR C 229 -7.27 5.67 1.68
C TYR C 229 -7.22 5.87 3.19
N ARG C 230 -6.19 5.34 3.83
CA ARG C 230 -6.04 5.45 5.28
C ARG C 230 -4.61 5.76 5.72
N ALA C 231 -4.46 6.77 6.55
CA ALA C 231 -3.15 7.16 7.06
C ALA C 231 -2.95 6.62 8.48
N SER C 232 -1.69 6.47 8.87
CA SER C 232 -1.35 5.98 10.20
C SER C 232 -1.35 7.14 11.20
N ALA C 233 -2.33 7.16 12.09
CA ALA C 233 -2.42 8.22 13.10
C ALA C 233 -1.22 8.08 14.03
N LYS C 234 -0.75 6.85 14.15
CA LYS C 234 0.39 6.55 14.99
C LYS C 234 1.64 7.31 14.53
N LYS C 235 2.08 7.02 13.32
CA LYS C 235 3.28 7.64 12.75
C LYS C 235 3.11 9.05 12.19
N ALA C 236 1.88 9.54 12.18
CA ALA C 236 1.59 10.87 11.64
C ALA C 236 2.41 12.01 12.24
N GLN C 237 2.98 12.83 11.36
CA GLN C 237 3.78 14.01 11.76
C GLN C 237 3.04 15.25 11.25
N ILE C 238 2.18 15.81 12.11
CA ILE C 238 1.40 16.99 11.74
C ILE C 238 2.13 18.32 11.90
N CYS C 239 1.76 19.28 11.07
CA CYS C 239 2.32 20.63 11.05
C CYS C 239 3.55 20.85 11.93
N GLN C 240 4.69 20.36 11.46
CA GLN C 240 5.94 20.52 12.19
C GLN C 240 6.86 21.33 11.30
N LYS C 241 7.97 21.79 11.85
CA LYS C 241 8.94 22.56 11.09
C LYS C 241 10.16 21.67 10.95
N GLN C 242 10.00 20.44 11.41
CA GLN C 242 11.04 19.42 11.36
C GLN C 242 10.33 18.08 11.31
N VAL C 243 10.66 17.27 10.30
CA VAL C 243 10.02 15.96 10.17
C VAL C 243 10.93 14.97 9.47
N LYS C 244 10.63 13.69 9.67
CA LYS C 244 11.39 12.62 9.02
C LYS C 244 10.58 12.21 7.79
N TYR C 245 11.21 12.28 6.61
CA TYR C 245 10.55 11.90 5.37
C TYR C 245 11.52 11.20 4.46
N LEU C 246 11.12 10.00 4.02
CA LEU C 246 11.91 9.19 3.10
C LEU C 246 13.35 8.97 3.55
N GLY C 247 13.54 8.82 4.85
CA GLY C 247 14.89 8.60 5.37
C GLY C 247 15.69 9.86 5.59
N TYR C 248 15.08 11.01 5.33
CA TYR C 248 15.75 12.29 5.52
C TYR C 248 15.13 13.03 6.71
N LEU C 249 15.83 14.05 7.21
CA LEU C 249 15.30 14.87 8.28
C LEU C 249 15.20 16.26 7.68
N LEU C 250 13.98 16.71 7.45
CA LEU C 250 13.74 18.02 6.86
C LEU C 250 13.69 19.08 7.96
N LYS C 251 14.67 19.99 7.94
CA LYS C 251 14.74 21.03 8.95
C LYS C 251 15.40 22.30 8.45
N GLU C 252 14.56 23.18 7.91
CA GLU C 252 14.99 24.48 7.41
C GLU C 252 15.39 24.50 5.97
N GLY C 253 14.62 23.77 5.16
CA GLY C 253 14.94 23.70 3.75
C GLY C 253 16.24 22.90 3.61
N GLN C 254 16.60 22.15 4.64
CA GLN C 254 17.83 21.32 4.62
C GLN C 254 17.51 19.83 4.59
N ARG C 255 18.30 19.07 3.83
CA ARG C 255 18.14 17.63 3.66
C ARG C 255 16.76 17.27 3.12
#